data_6LV0
#
_entry.id   6LV0
#
_cell.length_a   83.588
_cell.length_b   95.793
_cell.length_c   211.242
_cell.angle_alpha   90.000
_cell.angle_beta   90.000
_cell.angle_gamma   90.000
#
_symmetry.space_group_name_H-M   'C 2 2 21'
#
loop_
_entity.id
_entity.type
_entity.pdbx_description
1 polymer 'Low pH-inducible protein LpiA'
2 water water
#
_entity_poly.entity_id   1
_entity_poly.type   'polypeptide(L)'
_entity_poly.pdbx_seq_one_letter_code
;MDDAVARAVEIVRKQGVADANLVRMGDKSIMFSEKGDAFIMYGKQGRSWIALFDPVGPRQALPDLIWRFVETARAAGCRS
VFYQISPALLSYCADAGLRAFKLGELAVVNLANFELKGGKWANLRQTASRAVRDGLEFAVIEPQDIPDVLDQLAHVSDTW
LADHNAKEKSFSLGAFDPDYVCSQPVGVLKKDGKIVAFANILMTETKEEGSVDLMRFSPDAPKGSMDFLFVQILEYLKGE
GFQRFNLGMAPLSGMSRRESAPVWDRVGGTVFEHGERFYNFKGLRAFKSKFHPEWQPRYLAVSGGVSPMIALMDATFLIG
GGKLAAALEHHHHHH
;
_entity_poly.pdbx_strand_id   A,B
#
# COMPACT_ATOMS: atom_id res chain seq x y z
N ASP A 2 -3.44 -9.35 -6.45
CA ASP A 2 -3.83 -10.40 -5.51
C ASP A 2 -3.41 -10.06 -4.09
N ASP A 3 -4.17 -9.16 -3.46
CA ASP A 3 -3.77 -8.52 -2.19
C ASP A 3 -4.64 -9.07 -1.05
N ALA A 4 -4.12 -10.13 -0.41
CA ALA A 4 -4.77 -10.66 0.79
C ALA A 4 -4.89 -9.60 1.87
N VAL A 5 -3.92 -8.67 1.95
CA VAL A 5 -3.92 -7.70 3.04
C VAL A 5 -5.11 -6.74 2.91
N ALA A 6 -5.31 -6.18 1.71
CA ALA A 6 -6.43 -5.27 1.53
C ALA A 6 -7.75 -5.93 1.83
N ARG A 7 -7.85 -7.23 1.54
CA ARG A 7 -9.04 -8.00 1.84
C ARG A 7 -9.23 -8.14 3.35
N ALA A 8 -8.14 -8.40 4.08
CA ALA A 8 -8.22 -8.45 5.54
C ALA A 8 -8.64 -7.11 6.15
N VAL A 9 -8.16 -6.01 5.57
CA VAL A 9 -8.51 -4.69 6.11
C VAL A 9 -10.02 -4.50 6.08
N GLU A 10 -10.67 -4.90 4.99
CA GLU A 10 -12.12 -4.82 4.90
C GLU A 10 -12.80 -5.53 6.07
N ILE A 11 -12.27 -6.68 6.50
CA ILE A 11 -12.81 -7.37 7.66
C ILE A 11 -12.52 -6.58 8.93
N VAL A 12 -11.31 -6.00 9.03
CA VAL A 12 -10.94 -5.24 10.22
C VAL A 12 -11.90 -4.07 10.43
N ARG A 13 -12.20 -3.33 9.36
CA ARG A 13 -13.03 -2.14 9.47
C ARG A 13 -14.38 -2.45 10.09
N LYS A 14 -14.88 -3.66 9.91
CA LYS A 14 -16.24 -4.02 10.29
C LYS A 14 -16.32 -4.65 11.66
N GLN A 15 -15.21 -4.83 12.36
CA GLN A 15 -15.24 -5.44 13.68
C GLN A 15 -14.71 -4.44 14.72
N GLY A 16 -14.54 -4.90 15.95
CA GLY A 16 -14.31 -3.95 17.02
C GLY A 16 -12.93 -3.92 17.63
N VAL A 17 -12.07 -4.87 17.25
CA VAL A 17 -10.72 -4.97 17.84
C VAL A 17 -9.79 -4.02 17.09
N ALA A 18 -9.34 -2.97 17.78
CA ALA A 18 -8.51 -1.95 17.14
C ALA A 18 -7.16 -2.53 16.70
N ASP A 19 -6.54 -3.37 17.51
CA ASP A 19 -5.19 -3.81 17.20
C ASP A 19 -5.13 -4.74 15.99
N ALA A 20 -6.28 -5.22 15.50
CA ALA A 20 -6.29 -5.98 14.25
C ALA A 20 -5.77 -5.16 13.09
N ASN A 21 -5.74 -3.83 13.21
CA ASN A 21 -5.15 -2.98 12.18
C ASN A 21 -3.67 -3.25 11.95
N LEU A 22 -2.99 -3.97 12.85
CA LEU A 22 -1.60 -4.33 12.61
C LEU A 22 -1.46 -5.16 11.34
N VAL A 23 -2.55 -5.71 10.80
CA VAL A 23 -2.48 -6.42 9.53
C VAL A 23 -1.99 -5.48 8.43
N ARG A 24 -2.22 -4.18 8.60
CA ARG A 24 -1.86 -3.20 7.57
C ARG A 24 -0.36 -3.06 7.37
N MET A 25 0.44 -3.55 8.30
CA MET A 25 1.88 -3.51 8.11
C MET A 25 2.32 -4.40 6.94
N GLY A 26 1.51 -5.40 6.60
CA GLY A 26 1.81 -6.28 5.48
C GLY A 26 2.83 -7.35 5.75
N ASP A 27 3.37 -7.44 6.97
CA ASP A 27 4.41 -8.41 7.23
C ASP A 27 3.87 -9.74 7.77
N LYS A 28 2.55 -9.89 7.87
CA LYS A 28 1.95 -11.13 8.35
C LYS A 28 1.21 -11.84 7.22
N SER A 29 1.37 -13.16 7.15
CA SER A 29 0.53 -13.97 6.28
C SER A 29 -0.91 -13.94 6.79
N ILE A 30 -1.84 -14.27 5.90
CA ILE A 30 -3.27 -14.20 6.21
C ILE A 30 -3.94 -15.50 5.76
N MET A 31 -4.71 -16.09 6.67
CA MET A 31 -5.53 -17.27 6.39
C MET A 31 -6.97 -16.85 6.60
N PHE A 32 -7.79 -16.98 5.56
CA PHE A 32 -9.18 -16.58 5.63
C PHE A 32 -10.07 -17.75 6.00
N SER A 33 -11.18 -17.44 6.68
CA SER A 33 -12.21 -18.44 6.87
C SER A 33 -12.83 -18.85 5.53
N GLU A 34 -13.58 -19.96 5.56
CA GLU A 34 -14.16 -20.48 4.33
C GLU A 34 -15.08 -19.47 3.66
N LYS A 35 -15.94 -18.81 4.44
CA LYS A 35 -16.83 -17.79 3.92
C LYS A 35 -16.12 -16.47 3.64
N GLY A 36 -14.81 -16.35 3.93
CA GLY A 36 -14.13 -15.10 3.71
C GLY A 36 -14.49 -13.97 4.64
N ASP A 37 -15.19 -14.26 5.75
CA ASP A 37 -15.66 -13.21 6.66
C ASP A 37 -14.77 -13.01 7.88
N ALA A 38 -13.76 -13.87 8.08
CA ALA A 38 -12.83 -13.78 9.21
C ALA A 38 -11.45 -14.20 8.74
N PHE A 39 -10.42 -13.78 9.50
CA PHE A 39 -9.06 -14.18 9.15
C PHE A 39 -8.19 -14.33 10.40
N ILE A 40 -7.13 -15.11 10.24
CA ILE A 40 -6.02 -15.17 11.16
C ILE A 40 -4.80 -14.60 10.44
N MET A 41 -4.15 -13.61 11.05
CA MET A 41 -2.87 -13.12 10.56
C MET A 41 -1.76 -13.75 11.39
N TYR A 42 -0.67 -14.13 10.74
CA TYR A 42 0.32 -14.93 11.46
C TYR A 42 1.68 -14.77 10.83
N GLY A 43 2.72 -15.15 11.60
CA GLY A 43 4.07 -15.21 11.09
C GLY A 43 4.64 -16.60 11.34
N LYS A 44 5.85 -16.81 10.85
CA LYS A 44 6.53 -18.09 11.01
C LYS A 44 7.93 -17.83 11.52
N GLN A 45 8.34 -18.58 12.54
CA GLN A 45 9.64 -18.36 13.15
C GLN A 45 10.08 -19.65 13.80
N GLY A 46 11.31 -20.07 13.52
CA GLY A 46 11.75 -21.33 14.10
C GLY A 46 10.87 -22.46 13.56
N ARG A 47 10.39 -23.30 14.47
CA ARG A 47 9.45 -24.36 14.13
C ARG A 47 8.03 -24.02 14.58
N SER A 48 7.69 -22.72 14.60
CA SER A 48 6.41 -22.25 15.09
C SER A 48 5.71 -21.46 13.99
N TRP A 49 4.39 -21.62 13.91
CA TRP A 49 3.51 -20.66 13.27
C TRP A 49 2.85 -19.86 14.38
N ILE A 50 2.92 -18.53 14.31
CA ILE A 50 2.48 -17.68 15.42
C ILE A 50 1.38 -16.74 14.93
N ALA A 51 0.15 -16.98 15.35
CA ALA A 51 -0.95 -16.07 15.04
C ALA A 51 -0.86 -14.84 15.93
N LEU A 52 -1.21 -13.69 15.36
CA LEU A 52 -1.15 -12.41 16.07
C LEU A 52 -2.55 -12.04 16.54
N PHE A 53 -2.73 -12.01 17.86
CA PHE A 53 -3.98 -11.61 18.51
C PHE A 53 -5.10 -12.61 18.24
N ASP A 54 -6.32 -12.28 18.69
CA ASP A 54 -7.47 -13.11 18.44
C ASP A 54 -7.74 -13.18 16.94
N PRO A 55 -8.22 -14.31 16.43
CA PRO A 55 -8.75 -14.32 15.06
C PRO A 55 -9.79 -13.20 14.91
N VAL A 56 -9.84 -12.61 13.72
CA VAL A 56 -10.56 -11.37 13.48
C VAL A 56 -11.80 -11.67 12.65
N GLY A 57 -12.97 -11.20 13.09
CA GLY A 57 -14.23 -11.47 12.43
C GLY A 57 -15.26 -12.15 13.31
N PRO A 58 -16.40 -12.53 12.73
CA PRO A 58 -17.52 -13.06 13.53
C PRO A 58 -17.15 -14.35 14.27
N ARG A 59 -17.63 -14.44 15.51
CA ARG A 59 -17.24 -15.56 16.37
C ARG A 59 -17.64 -16.91 15.77
N GLN A 60 -18.72 -16.93 14.99
CA GLN A 60 -19.20 -18.19 14.43
C GLN A 60 -18.18 -18.81 13.49
N ALA A 61 -17.39 -17.99 12.79
CA ALA A 61 -16.36 -18.52 11.89
C ALA A 61 -15.14 -19.06 12.63
N LEU A 62 -15.03 -18.84 13.94
CA LEU A 62 -13.75 -19.04 14.62
C LEU A 62 -13.35 -20.50 14.77
N PRO A 63 -14.21 -21.43 15.22
CA PRO A 63 -13.72 -22.79 15.48
C PRO A 63 -13.15 -23.51 14.25
N ASP A 64 -13.78 -23.38 13.08
CA ASP A 64 -13.20 -24.02 11.90
C ASP A 64 -11.92 -23.31 11.47
N LEU A 65 -11.87 -21.99 11.63
CA LEU A 65 -10.71 -21.22 11.20
C LEU A 65 -9.51 -21.57 12.07
N ILE A 66 -9.70 -21.54 13.39
CA ILE A 66 -8.63 -21.93 14.29
C ILE A 66 -8.13 -23.34 13.97
N TRP A 67 -9.06 -24.28 13.80
CA TRP A 67 -8.67 -25.65 13.52
C TRP A 67 -7.87 -25.76 12.22
N ARG A 68 -8.29 -25.03 11.18
CA ARG A 68 -7.52 -25.00 9.93
C ARG A 68 -6.10 -24.49 10.18
N PHE A 69 -5.97 -23.40 10.95
CA PHE A 69 -4.63 -22.87 11.25
C PHE A 69 -3.78 -23.90 11.95
N VAL A 70 -4.32 -24.49 13.01
CA VAL A 70 -3.56 -25.45 13.82
C VAL A 70 -3.18 -26.68 13.01
N GLU A 71 -4.08 -27.14 12.14
CA GLU A 71 -3.80 -28.33 11.33
C GLU A 71 -2.81 -28.01 10.21
N THR A 72 -2.91 -26.80 9.63
CA THR A 72 -1.99 -26.42 8.58
C THR A 72 -0.57 -26.27 9.12
N ALA A 73 -0.41 -25.68 10.31
CA ALA A 73 0.91 -25.60 10.92
C ALA A 73 1.46 -27.01 11.20
N ARG A 74 0.63 -27.87 11.78
CA ARG A 74 1.04 -29.24 12.07
C ARG A 74 1.47 -29.96 10.80
N ALA A 75 0.69 -29.85 9.72
CA ALA A 75 1.08 -30.49 8.47
C ALA A 75 2.42 -30.00 7.97
N ALA A 76 2.75 -28.74 8.25
CA ALA A 76 4.03 -28.17 7.84
C ALA A 76 5.17 -28.51 8.79
N GLY A 77 4.93 -29.37 9.79
CA GLY A 77 5.97 -29.73 10.72
C GLY A 77 6.22 -28.74 11.84
N CYS A 78 5.28 -27.84 12.11
CA CYS A 78 5.47 -26.75 13.06
C CYS A 78 4.39 -26.79 14.15
N ARG A 79 4.76 -26.29 15.33
CA ARG A 79 3.78 -26.03 16.37
C ARG A 79 2.98 -24.77 16.02
N SER A 80 1.84 -24.62 16.69
CA SER A 80 1.01 -23.44 16.49
C SER A 80 0.95 -22.65 17.78
N VAL A 81 0.92 -21.34 17.63
CA VAL A 81 0.97 -20.40 18.75
C VAL A 81 -0.01 -19.28 18.46
N PHE A 82 -0.74 -18.85 19.47
CA PHE A 82 -1.54 -17.65 19.38
C PHE A 82 -0.94 -16.62 20.35
N TYR A 83 -0.55 -15.47 19.82
CA TYR A 83 0.20 -14.49 20.59
C TYR A 83 -0.74 -13.37 21.05
N GLN A 84 -0.86 -13.20 22.36
CA GLN A 84 -1.60 -12.08 22.96
C GLN A 84 -3.10 -12.16 22.68
N ILE A 85 -3.71 -13.28 23.07
CA ILE A 85 -5.16 -13.49 22.90
C ILE A 85 -5.89 -13.05 24.15
N SER A 86 -7.19 -12.80 24.00
CA SER A 86 -8.04 -12.27 25.07
C SER A 86 -8.75 -13.40 25.81
N PRO A 87 -9.35 -13.10 26.98
CA PRO A 87 -10.08 -14.15 27.72
C PRO A 87 -11.14 -14.85 26.88
N ALA A 88 -11.82 -14.12 26.00
CA ALA A 88 -12.89 -14.70 25.20
C ALA A 88 -12.39 -15.77 24.24
N LEU A 89 -11.09 -15.84 23.97
CA LEU A 89 -10.58 -16.87 23.08
C LEU A 89 -10.03 -18.08 23.81
N LEU A 90 -9.98 -18.06 25.14
CA LEU A 90 -9.45 -19.19 25.86
C LEU A 90 -10.22 -20.47 25.54
N SER A 91 -11.55 -20.40 25.56
CA SER A 91 -12.32 -21.64 25.32
C SER A 91 -12.16 -22.12 23.88
N TYR A 92 -12.12 -21.19 22.92
CA TYR A 92 -11.95 -21.60 21.52
C TYR A 92 -10.60 -22.26 21.29
N CYS A 93 -9.55 -21.71 21.91
CA CYS A 93 -8.21 -22.24 21.71
C CYS A 93 -8.05 -23.60 22.40
N ALA A 94 -8.59 -23.73 23.61
CA ALA A 94 -8.59 -25.02 24.29
C ALA A 94 -9.33 -26.07 23.47
N ASP A 95 -10.45 -25.70 22.85
CA ASP A 95 -11.17 -26.68 22.05
C ASP A 95 -10.36 -27.12 20.85
N ALA A 96 -9.33 -26.35 20.44
CA ALA A 96 -8.39 -26.77 19.41
C ALA A 96 -7.13 -27.40 19.99
N GLY A 97 -7.12 -27.69 21.29
CA GLY A 97 -6.00 -28.37 21.92
C GLY A 97 -4.87 -27.51 22.40
N LEU A 98 -5.08 -26.20 22.58
CA LEU A 98 -4.01 -25.28 22.91
C LEU A 98 -4.11 -24.84 24.37
N ARG A 99 -2.99 -24.88 25.07
CA ARG A 99 -2.93 -24.44 26.45
C ARG A 99 -2.46 -22.99 26.51
N ALA A 100 -3.05 -22.22 27.42
CA ALA A 100 -2.81 -20.79 27.49
C ALA A 100 -2.04 -20.42 28.75
N PHE A 101 -1.16 -19.42 28.62
CA PHE A 101 -0.34 -18.89 29.71
C PHE A 101 -0.40 -17.37 29.68
N LYS A 102 -0.57 -16.76 30.85
CA LYS A 102 -0.69 -15.30 30.91
C LYS A 102 0.60 -14.60 30.49
N LEU A 103 0.47 -13.62 29.59
CA LEU A 103 1.58 -12.86 29.00
C LEU A 103 1.83 -11.53 29.70
N GLY A 104 0.81 -10.98 30.30
CA GLY A 104 0.81 -9.61 30.78
C GLY A 104 -0.62 -9.12 30.78
N GLU A 105 -0.77 -7.83 30.95
CA GLU A 105 -2.10 -7.25 31.03
C GLU A 105 -2.20 -6.03 30.15
N LEU A 106 -3.36 -5.88 29.52
CA LEU A 106 -3.66 -4.73 28.68
C LEU A 106 -4.35 -3.66 29.51
N ALA A 107 -3.94 -2.40 29.33
CA ALA A 107 -4.54 -1.29 30.05
C ALA A 107 -5.63 -0.67 29.17
N VAL A 108 -6.86 -0.67 29.65
CA VAL A 108 -8.02 -0.25 28.86
C VAL A 108 -8.75 0.88 29.59
N VAL A 109 -8.98 1.98 28.89
CA VAL A 109 -9.67 3.14 29.45
C VAL A 109 -11.12 3.14 28.97
N ASN A 110 -12.07 3.10 29.90
CA ASN A 110 -13.48 3.31 29.54
C ASN A 110 -13.73 4.78 29.28
N LEU A 111 -14.06 5.12 28.05
CA LEU A 111 -14.10 6.54 27.66
C LEU A 111 -15.33 7.26 28.21
N ALA A 112 -16.43 6.54 28.45
CA ALA A 112 -17.62 7.19 29.00
C ALA A 112 -17.32 7.84 30.36
N ASN A 113 -16.63 7.11 31.23
CA ASN A 113 -16.32 7.58 32.59
C ASN A 113 -15.15 8.55 32.65
N PHE A 114 -14.24 8.54 31.67
CA PHE A 114 -13.06 9.39 31.77
C PHE A 114 -13.45 10.85 31.70
N GLU A 115 -12.99 11.63 32.68
CA GLU A 115 -13.26 13.07 32.79
C GLU A 115 -11.99 13.75 33.29
N LEU A 116 -11.21 14.32 32.36
CA LEU A 116 -9.88 14.80 32.72
C LEU A 116 -9.91 15.78 33.88
N LYS A 117 -10.86 16.71 33.86
CA LYS A 117 -10.94 17.75 34.88
C LYS A 117 -11.91 17.44 36.02
N GLY A 118 -12.37 16.20 36.14
CA GLY A 118 -13.38 15.91 37.13
C GLY A 118 -12.89 15.62 38.53
N GLY A 119 -11.59 15.38 38.72
CA GLY A 119 -10.99 15.22 40.03
C GLY A 119 -10.26 13.90 40.24
N LYS A 120 -10.62 12.86 39.46
CA LYS A 120 -10.03 11.54 39.64
C LYS A 120 -8.72 11.34 38.88
N TRP A 121 -8.33 12.28 38.03
CA TRP A 121 -7.13 12.18 37.19
C TRP A 121 -6.25 13.42 37.37
N ALA A 122 -5.95 13.75 38.64
CA ALA A 122 -5.22 14.99 38.93
C ALA A 122 -3.87 15.04 38.24
N ASN A 123 -3.11 13.93 38.29
CA ASN A 123 -1.78 13.98 37.71
C ASN A 123 -1.83 14.29 36.20
N LEU A 124 -2.73 13.61 35.48
CA LEU A 124 -2.86 13.85 34.04
C LEU A 124 -3.40 15.24 33.75
N ARG A 125 -4.37 15.70 34.55
CA ARG A 125 -4.90 17.06 34.38
C ARG A 125 -3.80 18.10 34.56
N GLN A 126 -2.98 17.95 35.60
CA GLN A 126 -1.87 18.87 35.81
C GLN A 126 -0.87 18.80 34.66
N THR A 127 -0.53 17.58 34.23
CA THR A 127 0.47 17.46 33.17
C THR A 127 -0.04 18.06 31.87
N ALA A 128 -1.34 17.89 31.58
CA ALA A 128 -1.92 18.46 30.36
C ALA A 128 -1.90 19.98 30.39
N SER A 129 -2.19 20.58 31.55
CA SER A 129 -2.06 22.03 31.72
C SER A 129 -0.67 22.51 31.36
N ARG A 130 0.37 21.87 31.93
CA ARG A 130 1.73 22.29 31.64
C ARG A 130 2.04 22.13 30.15
N ALA A 131 1.55 21.07 29.52
CA ALA A 131 1.78 20.88 28.08
C ALA A 131 1.24 22.04 27.27
N VAL A 132 0.00 22.44 27.55
CA VAL A 132 -0.60 23.58 26.84
C VAL A 132 0.25 24.83 27.06
N ARG A 133 0.63 25.08 28.31
CA ARG A 133 1.45 26.25 28.64
C ARG A 133 2.80 26.19 27.92
N ASP A 134 3.36 24.99 27.77
CA ASP A 134 4.60 24.86 27.01
C ASP A 134 4.43 25.05 25.52
N GLY A 135 3.21 25.30 25.04
CA GLY A 135 2.97 25.56 23.63
C GLY A 135 2.65 24.36 22.76
N LEU A 136 2.24 23.24 23.34
CA LEU A 136 1.92 22.05 22.56
C LEU A 136 0.49 22.11 22.07
N GLU A 137 0.30 21.78 20.79
CA GLU A 137 -1.02 21.72 20.16
C GLU A 137 -1.18 20.37 19.50
N PHE A 138 -2.41 19.86 19.52
CA PHE A 138 -2.73 18.53 19.03
C PHE A 138 -3.61 18.63 17.79
N ALA A 139 -3.42 17.70 16.87
CA ALA A 139 -4.30 17.58 15.71
C ALA A 139 -4.34 16.12 15.29
N VAL A 140 -5.45 15.73 14.66
CA VAL A 140 -5.55 14.45 13.97
C VAL A 140 -5.41 14.72 12.48
N ILE A 141 -4.56 13.94 11.80
CA ILE A 141 -4.32 14.10 10.37
C ILE A 141 -4.82 12.84 9.68
N GLU A 142 -5.70 13.02 8.70
CA GLU A 142 -6.27 11.88 7.97
C GLU A 142 -5.29 11.37 6.90
N PRO A 143 -5.42 10.11 6.50
CA PRO A 143 -4.45 9.50 5.55
C PRO A 143 -4.00 10.36 4.38
N GLN A 144 -4.93 10.89 3.58
CA GLN A 144 -4.50 11.63 2.38
C GLN A 144 -3.74 12.89 2.71
N ASP A 145 -3.84 13.38 3.94
CA ASP A 145 -3.11 14.56 4.38
C ASP A 145 -1.79 14.22 5.07
N ILE A 146 -1.48 12.94 5.22
CA ILE A 146 -0.23 12.54 5.86
C ILE A 146 0.98 12.73 4.94
N PRO A 147 0.89 12.50 3.61
CA PRO A 147 2.08 12.70 2.78
C PRO A 147 2.69 14.08 2.94
N ASP A 148 1.88 15.12 3.04
CA ASP A 148 2.39 16.48 3.14
C ASP A 148 3.25 16.69 4.40
N VAL A 149 3.05 15.90 5.44
CA VAL A 149 3.85 16.01 6.66
C VAL A 149 4.77 14.81 6.86
N LEU A 150 4.88 13.93 5.86
CA LEU A 150 5.65 12.69 6.03
C LEU A 150 7.11 12.97 6.35
N ASP A 151 7.66 14.07 5.81
CA ASP A 151 9.02 14.44 6.14
C ASP A 151 9.15 14.78 7.62
N GLN A 152 8.15 15.47 8.19
CA GLN A 152 8.19 15.80 9.61
C GLN A 152 8.00 14.57 10.47
N LEU A 153 7.06 13.68 10.11
CA LEU A 153 6.92 12.42 10.84
C LEU A 153 8.22 11.61 10.82
N ALA A 154 8.89 11.57 9.66
CA ALA A 154 10.14 10.83 9.55
C ALA A 154 11.21 11.44 10.44
N HIS A 155 11.25 12.77 10.51
CA HIS A 155 12.19 13.43 11.41
C HIS A 155 11.95 12.99 12.84
N VAL A 156 10.69 13.05 13.29
CA VAL A 156 10.35 12.60 14.63
C VAL A 156 10.74 11.15 14.83
N SER A 157 10.41 10.28 13.86
CA SER A 157 10.68 8.85 14.01
C SER A 157 12.18 8.57 14.04
N ASP A 158 12.93 9.18 13.13
CA ASP A 158 14.37 8.91 13.06
C ASP A 158 15.09 9.36 14.33
N THR A 159 14.76 10.55 14.82
CA THR A 159 15.45 11.06 16.01
C THR A 159 15.02 10.29 17.26
N TRP A 160 13.76 9.85 17.30
CA TRP A 160 13.31 8.99 18.40
C TRP A 160 14.13 7.71 18.45
N LEU A 161 14.26 7.02 17.30
CA LEU A 161 15.05 5.78 17.27
C LEU A 161 16.50 6.04 17.67
N ALA A 162 17.09 7.12 17.15
CA ALA A 162 18.48 7.43 17.47
C ALA A 162 18.62 7.77 18.95
N ASP A 163 17.71 8.59 19.48
CA ASP A 163 17.75 8.95 20.88
C ASP A 163 17.73 7.73 21.79
N HIS A 164 16.96 6.71 21.43
CA HIS A 164 16.79 5.54 22.26
C HIS A 164 17.67 4.38 21.83
N ASN A 165 18.56 4.60 20.84
CA ASN A 165 19.42 3.54 20.32
C ASN A 165 18.60 2.31 19.92
N ALA A 166 17.44 2.56 19.33
CA ALA A 166 16.45 1.52 19.07
C ALA A 166 16.42 1.18 17.59
N LYS A 167 16.08 -0.07 17.30
CA LYS A 167 15.89 -0.57 15.94
C LYS A 167 14.42 -0.92 15.74
N GLU A 168 13.97 -0.87 14.48
CA GLU A 168 12.56 -1.18 14.20
C GLU A 168 12.25 -2.63 14.54
N LYS A 169 11.06 -2.86 15.09
CA LYS A 169 10.56 -4.20 15.35
C LYS A 169 9.57 -4.60 14.25
N SER A 170 8.96 -5.78 14.40
CA SER A 170 7.99 -6.22 13.41
C SER A 170 6.95 -7.11 14.10
N PHE A 171 6.06 -7.66 13.27
CA PHE A 171 5.02 -8.60 13.70
C PHE A 171 3.97 -7.93 14.57
N SER A 172 4.22 -7.84 15.88
CA SER A 172 3.26 -7.25 16.79
C SER A 172 3.41 -5.75 16.92
N LEU A 173 4.48 -5.18 16.41
CA LEU A 173 4.73 -3.76 16.50
C LEU A 173 4.92 -3.22 15.10
N GLY A 174 4.34 -2.08 14.80
CA GLY A 174 4.56 -1.49 13.50
C GLY A 174 5.89 -0.75 13.45
N ALA A 175 6.26 -0.35 12.25
CA ALA A 175 7.52 0.33 11.97
C ALA A 175 7.25 1.53 11.08
N PHE A 176 8.21 2.45 10.97
CA PHE A 176 8.02 3.62 10.09
C PHE A 176 8.23 3.18 8.64
N ASP A 177 7.19 2.56 8.08
CA ASP A 177 7.12 2.23 6.66
C ASP A 177 6.09 3.16 6.02
N PRO A 178 6.46 3.94 5.00
CA PRO A 178 5.55 4.97 4.47
C PRO A 178 4.16 4.47 4.11
N ASP A 179 4.03 3.31 3.46
CA ASP A 179 2.68 2.85 3.12
C ASP A 179 1.85 2.61 4.37
N TYR A 180 2.45 1.98 5.38
CA TYR A 180 1.74 1.73 6.63
C TYR A 180 1.43 3.04 7.36
N VAL A 181 2.39 3.95 7.41
CA VAL A 181 2.21 5.20 8.14
C VAL A 181 1.09 6.03 7.50
N CYS A 182 0.95 5.98 6.18
CA CYS A 182 -0.09 6.77 5.52
C CYS A 182 -1.45 6.10 5.51
N SER A 183 -1.57 4.87 5.99
CA SER A 183 -2.82 4.12 5.87
C SER A 183 -3.83 4.40 6.98
N GLN A 184 -3.43 5.04 8.07
CA GLN A 184 -4.34 5.28 9.18
C GLN A 184 -4.12 6.72 9.67
N PRO A 185 -5.13 7.32 10.30
CA PRO A 185 -4.94 8.67 10.83
C PRO A 185 -3.82 8.69 11.86
N VAL A 186 -3.18 9.85 12.01
CA VAL A 186 -2.17 10.04 13.04
C VAL A 186 -2.61 11.20 13.92
N GLY A 187 -2.29 11.10 15.21
CA GLY A 187 -2.39 12.22 16.13
C GLY A 187 -1.00 12.81 16.30
N VAL A 188 -0.89 14.12 16.17
CA VAL A 188 0.41 14.76 16.23
C VAL A 188 0.41 15.84 17.31
N LEU A 189 1.58 16.09 17.89
CA LEU A 189 1.82 17.27 18.69
C LEU A 189 2.70 18.23 17.91
N LYS A 190 2.36 19.51 17.96
CA LYS A 190 3.10 20.53 17.26
C LYS A 190 3.61 21.55 18.27
N LYS A 191 4.80 22.06 18.02
CA LYS A 191 5.39 23.11 18.85
C LYS A 191 6.25 23.97 17.94
N ASP A 192 6.10 25.29 18.08
CA ASP A 192 6.85 26.26 17.28
C ASP A 192 6.74 25.98 15.79
N GLY A 193 5.55 25.55 15.33
CA GLY A 193 5.30 25.33 13.94
C GLY A 193 5.68 23.97 13.38
N LYS A 194 6.28 23.09 14.19
CA LYS A 194 6.69 21.78 13.70
C LYS A 194 6.12 20.65 14.54
N ILE A 195 5.92 19.50 13.89
CA ILE A 195 5.49 18.31 14.60
C ILE A 195 6.67 17.80 15.45
N VAL A 196 6.41 17.60 16.74
CA VAL A 196 7.40 17.06 17.66
C VAL A 196 7.03 15.66 18.16
N ALA A 197 5.84 15.16 17.87
CA ALA A 197 5.43 13.85 18.32
C ALA A 197 4.28 13.38 17.44
N PHE A 198 4.14 12.06 17.30
CA PHE A 198 2.99 11.52 16.61
C PHE A 198 2.72 10.11 17.09
N ALA A 199 1.48 9.68 16.89
CA ALA A 199 1.11 8.28 17.05
C ALA A 199 0.06 7.95 15.99
N ASN A 200 0.09 6.73 15.47
CA ASN A 200 -1.00 6.32 14.61
C ASN A 200 -2.18 5.88 15.47
N ILE A 201 -3.38 6.18 15.01
CA ILE A 201 -4.59 5.94 15.77
C ILE A 201 -5.33 4.80 15.10
N LEU A 202 -5.41 3.67 15.79
CA LEU A 202 -5.96 2.44 15.25
C LEU A 202 -7.44 2.40 15.61
N MET A 203 -8.30 2.42 14.59
CA MET A 203 -9.73 2.53 14.76
C MET A 203 -10.45 1.53 13.87
N THR A 204 -11.75 1.35 14.11
CA THR A 204 -12.63 0.61 13.22
C THR A 204 -13.93 1.38 13.07
N GLU A 205 -14.75 0.93 12.11
CA GLU A 205 -15.99 1.64 11.83
C GLU A 205 -17.04 1.43 12.93
N THR A 206 -16.90 0.38 13.75
CA THR A 206 -17.84 0.11 14.82
C THR A 206 -17.65 1.02 16.03
N LYS A 207 -16.56 1.78 16.07
CA LYS A 207 -16.32 2.74 17.16
C LYS A 207 -16.43 2.08 18.54
N GLU A 208 -16.02 0.82 18.64
CA GLU A 208 -15.91 0.19 19.94
C GLU A 208 -14.60 0.59 20.61
N GLU A 209 -13.48 0.16 20.05
CA GLU A 209 -12.17 0.31 20.66
C GLU A 209 -11.23 1.10 19.75
N GLY A 210 -10.39 1.93 20.38
CA GLY A 210 -9.27 2.58 19.72
C GLY A 210 -7.96 2.20 20.39
N SER A 211 -6.84 2.32 19.68
CA SER A 211 -5.53 2.07 20.28
C SER A 211 -4.49 2.86 19.50
N VAL A 212 -3.25 2.76 19.93
CA VAL A 212 -2.12 3.35 19.19
C VAL A 212 -1.09 2.26 19.02
N ASP A 213 -0.24 2.44 18.00
CA ASP A 213 0.81 1.46 17.71
C ASP A 213 2.16 2.17 17.79
N LEU A 214 2.52 2.92 16.75
CA LEU A 214 3.70 3.77 16.83
C LEU A 214 3.42 4.95 17.73
N MET A 215 4.42 5.38 18.48
CA MET A 215 4.30 6.63 19.22
C MET A 215 5.72 7.12 19.45
N ARG A 216 6.08 8.26 18.88
CA ARG A 216 7.48 8.68 18.82
C ARG A 216 7.58 10.19 19.03
N PHE A 217 8.73 10.64 19.52
CA PHE A 217 8.95 12.01 19.94
C PHE A 217 10.33 12.47 19.51
N SER A 218 10.43 13.69 19.02
CA SER A 218 11.73 14.29 18.69
C SER A 218 12.36 14.88 19.95
N PRO A 219 13.65 15.24 19.88
CA PRO A 219 14.26 15.94 21.02
C PRO A 219 13.54 17.23 21.39
N ASP A 220 12.75 17.81 20.48
CA ASP A 220 12.02 19.03 20.78
C ASP A 220 10.69 18.79 21.47
N ALA A 221 10.31 17.55 21.69
CA ALA A 221 9.12 17.28 22.49
C ALA A 221 9.46 17.51 23.96
N PRO A 222 8.75 18.38 24.67
CA PRO A 222 9.05 18.59 26.09
C PRO A 222 8.61 17.42 26.95
N LYS A 223 9.14 17.38 28.17
CA LYS A 223 8.64 16.44 29.17
C LYS A 223 7.13 16.59 29.30
N GLY A 224 6.45 15.48 29.53
CA GLY A 224 5.00 15.45 29.54
C GLY A 224 4.33 15.28 28.19
N SER A 225 5.09 15.33 27.09
CA SER A 225 4.52 15.16 25.77
C SER A 225 3.78 13.83 25.63
N MET A 226 4.35 12.74 26.17
CA MET A 226 3.68 11.45 26.06
C MET A 226 2.34 11.47 26.80
N ASP A 227 2.32 12.02 28.03
CA ASP A 227 1.07 12.13 28.77
C ASP A 227 0.03 12.90 27.97
N PHE A 228 0.45 14.03 27.40
CA PHE A 228 -0.47 14.91 26.68
C PHE A 228 -0.99 14.25 25.41
N LEU A 229 -0.11 13.58 24.66
CA LEU A 229 -0.55 12.92 23.42
C LEU A 229 -1.57 11.83 23.71
N PHE A 230 -1.32 10.98 24.72
CA PHE A 230 -2.31 9.97 25.10
C PHE A 230 -3.64 10.60 25.52
N VAL A 231 -3.61 11.65 26.36
CA VAL A 231 -4.86 12.27 26.81
C VAL A 231 -5.59 12.88 25.62
N GLN A 232 -4.85 13.53 24.71
CA GLN A 232 -5.46 14.15 23.55
C GLN A 232 -6.07 13.12 22.61
N ILE A 233 -5.41 11.97 22.42
CA ILE A 233 -6.01 10.93 21.57
C ILE A 233 -7.19 10.30 22.28
N LEU A 234 -7.09 10.14 23.60
CA LEU A 234 -8.21 9.65 24.40
C LEU A 234 -9.46 10.52 24.20
N GLU A 235 -9.29 11.83 24.33
CA GLU A 235 -10.45 12.71 24.22
C GLU A 235 -10.97 12.75 22.80
N TYR A 236 -10.08 12.68 21.80
CA TYR A 236 -10.52 12.61 20.42
C TYR A 236 -11.42 11.39 20.20
N LEU A 237 -10.97 10.23 20.67
CA LEU A 237 -11.77 9.01 20.51
C LEU A 237 -13.08 9.11 21.28
N LYS A 238 -13.03 9.65 22.50
CA LYS A 238 -14.28 9.87 23.24
C LYS A 238 -15.22 10.78 22.47
N GLY A 239 -14.70 11.87 21.90
CA GLY A 239 -15.52 12.79 21.14
C GLY A 239 -16.08 12.18 19.86
N GLU A 240 -15.39 11.21 19.27
CA GLU A 240 -15.89 10.53 18.08
C GLU A 240 -16.86 9.42 18.40
N GLY A 241 -17.16 9.19 19.67
CA GLY A 241 -18.14 8.20 20.06
C GLY A 241 -17.60 6.85 20.41
N PHE A 242 -16.29 6.70 20.61
CA PHE A 242 -15.74 5.39 20.92
C PHE A 242 -16.04 4.99 22.37
N GLN A 243 -16.06 3.69 22.61
CA GLN A 243 -16.29 3.16 23.95
C GLN A 243 -15.02 3.03 24.79
N ARG A 244 -13.92 2.57 24.19
CA ARG A 244 -12.73 2.18 24.94
C ARG A 244 -11.47 2.66 24.21
N PHE A 245 -10.45 2.95 25.01
CA PHE A 245 -9.12 3.29 24.50
C PHE A 245 -8.11 2.36 25.17
N ASN A 246 -7.47 1.54 24.38
CA ASN A 246 -6.46 0.61 24.86
C ASN A 246 -5.11 1.34 24.86
N LEU A 247 -4.44 1.35 26.01
CA LEU A 247 -3.15 2.03 26.13
C LEU A 247 -1.96 1.12 25.86
N GLY A 248 -2.20 -0.18 25.69
CA GLY A 248 -1.16 -1.14 25.38
C GLY A 248 -0.89 -2.09 26.53
N MET A 249 -0.01 -3.05 26.23
CA MET A 249 0.36 -4.10 27.16
C MET A 249 1.37 -3.59 28.18
N ALA A 250 1.32 -4.18 29.37
CA ALA A 250 2.34 -4.03 30.39
C ALA A 250 2.82 -5.41 30.82
N PRO A 251 4.08 -5.52 31.24
CA PRO A 251 4.64 -6.83 31.60
C PRO A 251 3.93 -7.47 32.78
N LEU A 252 4.10 -8.78 32.89
CA LEU A 252 3.57 -9.55 34.01
C LEU A 252 3.94 -8.90 35.34
N SER A 253 2.91 -8.56 36.12
CA SER A 253 3.09 -7.97 37.45
C SER A 253 3.89 -8.87 38.39
N ASP A 265 10.74 -20.03 38.96
CA ASP A 265 9.87 -20.16 37.80
C ASP A 265 10.56 -19.71 36.52
N ARG A 266 11.17 -20.65 35.78
CA ARG A 266 11.78 -20.28 34.50
C ARG A 266 10.74 -19.81 33.50
N VAL A 267 9.54 -20.39 33.56
CA VAL A 267 8.45 -19.94 32.68
C VAL A 267 8.13 -18.48 32.94
N GLY A 268 7.74 -18.17 34.18
CA GLY A 268 7.31 -16.82 34.52
C GLY A 268 8.40 -15.78 34.33
N GLY A 269 9.66 -16.18 34.53
CA GLY A 269 10.76 -15.26 34.29
C GLY A 269 10.93 -14.92 32.82
N THR A 270 10.87 -15.94 31.96
CA THR A 270 10.95 -15.69 30.52
C THR A 270 9.78 -14.81 30.07
N VAL A 271 8.60 -15.04 30.63
CA VAL A 271 7.45 -14.20 30.29
C VAL A 271 7.72 -12.77 30.71
N PHE A 272 8.27 -12.57 31.90
CA PHE A 272 8.58 -11.22 32.36
C PHE A 272 9.61 -10.54 31.46
N GLU A 273 10.69 -11.25 31.13
CA GLU A 273 11.71 -10.68 30.26
C GLU A 273 11.12 -10.29 28.91
N HIS A 274 10.24 -11.14 28.36
CA HIS A 274 9.63 -10.82 27.07
C HIS A 274 8.83 -9.51 27.16
N GLY A 275 8.04 -9.35 28.22
CA GLY A 275 7.29 -8.12 28.39
C GLY A 275 8.18 -6.91 28.59
N GLU A 276 9.23 -7.05 29.40
CA GLU A 276 10.18 -5.96 29.58
C GLU A 276 10.80 -5.54 28.26
N ARG A 277 11.06 -6.51 27.38
CA ARG A 277 11.70 -6.19 26.11
C ARG A 277 10.77 -5.41 25.18
N PHE A 278 9.48 -5.75 25.17
CA PHE A 278 8.62 -5.26 24.10
C PHE A 278 7.45 -4.40 24.56
N TYR A 279 7.09 -4.40 25.85
CA TYR A 279 5.86 -3.72 26.27
C TYR A 279 6.09 -2.32 26.83
N ASN A 280 7.32 -1.82 26.84
CA ASN A 280 7.63 -0.58 27.54
C ASN A 280 8.07 0.55 26.62
N PHE A 281 7.65 0.53 25.34
CA PHE A 281 8.03 1.58 24.41
C PHE A 281 7.15 2.82 24.47
N LYS A 282 5.97 2.75 25.06
CA LYS A 282 5.10 3.91 25.13
C LYS A 282 4.53 4.06 26.53
N GLY A 283 5.43 4.06 27.50
CA GLY A 283 5.05 4.30 28.87
C GLY A 283 5.14 3.01 29.66
N LEU A 284 5.64 3.12 30.88
CA LEU A 284 5.71 1.96 31.76
C LEU A 284 4.37 1.75 32.44
N ARG A 285 4.26 0.64 33.18
CA ARG A 285 3.00 0.36 33.88
C ARG A 285 2.60 1.52 34.79
N ALA A 286 3.57 2.17 35.45
CA ALA A 286 3.24 3.29 36.33
C ALA A 286 2.64 4.44 35.55
N PHE A 287 3.10 4.66 34.32
CA PHE A 287 2.50 5.69 33.49
C PHE A 287 1.07 5.34 33.12
N LYS A 288 0.85 4.08 32.74
CA LYS A 288 -0.50 3.65 32.41
C LYS A 288 -1.43 3.74 33.61
N SER A 289 -0.90 3.51 34.82
CA SER A 289 -1.71 3.56 36.03
C SER A 289 -2.23 4.96 36.33
N LYS A 290 -1.60 6.00 35.78
CA LYS A 290 -2.14 7.35 35.91
C LYS A 290 -3.53 7.49 35.31
N PHE A 291 -3.90 6.61 34.39
CA PHE A 291 -5.21 6.65 33.76
C PHE A 291 -6.24 5.82 34.54
N HIS A 292 -5.84 5.25 35.69
CA HIS A 292 -6.65 4.32 36.48
C HIS A 292 -7.38 3.34 35.58
N PRO A 293 -6.68 2.58 34.75
CA PRO A 293 -7.34 1.78 33.73
C PRO A 293 -7.85 0.47 34.30
N GLU A 294 -8.74 -0.15 33.52
CA GLU A 294 -9.06 -1.55 33.70
C GLU A 294 -7.93 -2.39 33.09
N TRP A 295 -7.40 -3.32 33.89
CA TRP A 295 -6.32 -4.20 33.46
C TRP A 295 -6.90 -5.53 32.98
N GLN A 296 -6.74 -5.83 31.69
CA GLN A 296 -7.28 -7.06 31.13
C GLN A 296 -6.15 -8.02 30.77
N PRO A 297 -6.17 -9.25 31.24
CA PRO A 297 -5.09 -10.17 30.94
C PRO A 297 -5.09 -10.59 29.47
N ARG A 298 -3.90 -10.94 28.98
CA ARG A 298 -3.74 -11.46 27.63
C ARG A 298 -2.82 -12.66 27.69
N TYR A 299 -2.93 -13.55 26.71
CA TYR A 299 -2.34 -14.88 26.84
C TYR A 299 -1.53 -15.27 25.61
N LEU A 300 -0.61 -16.20 25.84
CA LEU A 300 0.05 -16.97 24.81
C LEU A 300 -0.50 -18.38 24.86
N ALA A 301 -1.03 -18.86 23.73
CA ALA A 301 -1.55 -20.23 23.66
C ALA A 301 -0.66 -21.06 22.75
N VAL A 302 -0.34 -22.27 23.18
CA VAL A 302 0.63 -23.11 22.48
C VAL A 302 0.06 -24.52 22.33
N SER A 303 0.32 -25.12 21.18
CA SER A 303 -0.11 -26.48 20.89
C SER A 303 0.84 -27.49 21.49
N GLY A 304 0.38 -28.74 21.57
CA GLY A 304 1.24 -29.89 21.73
C GLY A 304 1.87 -30.09 23.08
N GLY A 305 1.41 -29.39 24.13
CA GLY A 305 2.02 -29.53 25.43
C GLY A 305 3.43 -28.97 25.55
N VAL A 306 3.93 -28.32 24.50
CA VAL A 306 5.21 -27.63 24.60
C VAL A 306 5.14 -26.62 25.73
N SER A 307 6.26 -26.43 26.42
CA SER A 307 6.29 -25.37 27.42
C SER A 307 6.18 -24.02 26.72
N PRO A 308 5.53 -23.04 27.34
CA PRO A 308 5.45 -21.70 26.75
C PRO A 308 6.82 -21.05 26.53
N MET A 309 7.89 -21.61 27.09
CA MET A 309 9.21 -21.01 26.92
C MET A 309 9.63 -21.00 25.46
N ILE A 310 9.48 -22.15 24.77
CA ILE A 310 9.92 -22.24 23.38
C ILE A 310 9.12 -21.27 22.51
N ALA A 311 7.79 -21.31 22.63
CA ALA A 311 6.96 -20.41 21.84
C ALA A 311 7.30 -18.94 22.11
N LEU A 312 7.52 -18.58 23.37
CA LEU A 312 7.78 -17.17 23.65
C LEU A 312 9.13 -16.74 23.10
N MET A 313 10.13 -17.63 23.08
CA MET A 313 11.41 -17.28 22.49
C MET A 313 11.28 -17.12 20.98
N ASP A 314 10.53 -17.99 20.31
CA ASP A 314 10.26 -17.78 18.89
C ASP A 314 9.57 -16.43 18.65
N ALA A 315 8.59 -16.09 19.48
CA ALA A 315 7.94 -14.79 19.33
C ALA A 315 8.95 -13.65 19.51
N THR A 316 9.86 -13.78 20.49
CA THR A 316 10.91 -12.78 20.67
C THR A 316 11.78 -12.63 19.43
N PHE A 317 12.20 -13.76 18.83
CA PHE A 317 12.95 -13.67 17.58
C PHE A 317 12.11 -13.01 16.48
N LEU A 318 10.84 -13.40 16.39
CA LEU A 318 9.98 -12.90 15.32
C LEU A 318 9.76 -11.39 15.43
N ILE A 319 9.43 -10.90 16.62
CA ILE A 319 9.24 -9.47 16.79
C ILE A 319 10.55 -8.72 16.57
N GLY A 320 11.68 -9.32 16.96
CA GLY A 320 12.96 -8.69 16.72
C GLY A 320 13.52 -8.88 15.32
N GLY A 321 12.71 -9.33 14.37
CA GLY A 321 13.19 -9.47 13.01
C GLY A 321 14.12 -10.64 12.78
N GLY A 322 13.93 -11.73 13.53
CA GLY A 322 14.79 -12.88 13.39
C GLY A 322 16.08 -12.80 14.16
N LYS A 323 16.25 -11.80 15.02
CA LYS A 323 17.50 -11.56 15.71
C LYS A 323 17.26 -11.39 17.20
N LEU A 324 18.24 -11.79 18.00
CA LEU A 324 18.22 -11.59 19.44
C LEU A 324 19.67 -11.48 19.89
N ALA A 325 20.12 -10.27 20.21
CA ALA A 325 21.54 -10.05 20.45
C ALA A 325 21.99 -10.50 21.83
N ALA A 326 21.14 -10.37 22.84
CA ALA A 326 21.60 -10.55 24.22
C ALA A 326 20.41 -10.49 25.15
N ALA A 327 20.66 -10.86 26.40
CA ALA A 327 19.68 -10.57 27.43
C ALA A 327 19.64 -9.07 27.69
N LEU A 328 18.54 -8.62 28.28
CA LEU A 328 18.42 -7.23 28.70
C LEU A 328 19.34 -6.94 29.87
N GLU A 329 19.80 -5.69 29.97
CA GLU A 329 20.58 -5.28 31.12
C GLU A 329 19.73 -5.36 32.40
N HIS A 330 20.28 -6.02 33.42
CA HIS A 330 19.55 -6.24 34.66
C HIS A 330 20.54 -6.39 35.81
N HIS A 331 20.17 -5.85 36.97
CA HIS A 331 21.04 -5.86 38.15
C HIS A 331 20.27 -6.32 39.39
N ASP B 2 -18.04 21.77 -24.32
CA ASP B 2 -16.82 22.44 -23.85
C ASP B 2 -15.82 21.39 -23.37
N ASP B 3 -15.29 20.63 -24.30
CA ASP B 3 -14.58 19.39 -23.97
C ASP B 3 -13.08 19.57 -24.24
N ALA B 4 -12.33 19.84 -23.17
CA ALA B 4 -10.88 19.87 -23.27
C ALA B 4 -10.32 18.51 -23.68
N VAL B 5 -10.94 17.42 -23.22
CA VAL B 5 -10.41 16.08 -23.47
C VAL B 5 -10.38 15.79 -24.97
N ALA B 6 -11.48 16.09 -25.67
CA ALA B 6 -11.50 15.86 -27.11
C ALA B 6 -10.44 16.70 -27.82
N ARG B 7 -10.26 17.95 -27.37
CA ARG B 7 -9.20 18.79 -27.92
C ARG B 7 -7.83 18.17 -27.69
N ALA B 8 -7.61 17.65 -26.47
CA ALA B 8 -6.34 17.00 -26.17
C ALA B 8 -6.13 15.79 -27.06
N VAL B 9 -7.19 15.03 -27.35
CA VAL B 9 -7.06 13.85 -28.20
C VAL B 9 -6.55 14.24 -29.58
N GLU B 10 -7.01 15.38 -30.11
CA GLU B 10 -6.52 15.83 -31.40
C GLU B 10 -5.00 16.02 -31.40
N ILE B 11 -4.47 16.56 -30.30
CA ILE B 11 -3.02 16.72 -30.17
C ILE B 11 -2.35 15.34 -30.06
N VAL B 12 -2.92 14.44 -29.26
CA VAL B 12 -2.35 13.10 -29.09
C VAL B 12 -2.19 12.41 -30.44
N ARG B 13 -3.24 12.46 -31.26
CA ARG B 13 -3.25 11.74 -32.54
C ARG B 13 -2.06 12.11 -33.42
N LYS B 14 -1.56 13.34 -33.31
CA LYS B 14 -0.56 13.88 -34.22
C LYS B 14 0.85 13.82 -33.66
N GLN B 15 1.05 13.28 -32.47
CA GLN B 15 2.39 13.13 -31.91
C GLN B 15 2.67 11.64 -31.72
N GLY B 16 3.82 11.32 -31.15
CA GLY B 16 4.29 9.95 -31.23
C GLY B 16 4.25 9.15 -29.95
N VAL B 17 3.87 9.74 -28.82
CA VAL B 17 3.87 9.05 -27.54
C VAL B 17 2.55 8.31 -27.34
N ALA B 18 2.60 6.98 -27.26
CA ALA B 18 1.40 6.17 -27.21
C ALA B 18 0.64 6.36 -25.89
N ASP B 19 1.35 6.45 -24.77
CA ASP B 19 0.67 6.47 -23.48
C ASP B 19 -0.05 7.78 -23.22
N ALA B 20 0.21 8.80 -24.04
CA ALA B 20 -0.59 10.02 -23.96
C ALA B 20 -2.08 9.78 -24.21
N ASN B 21 -2.44 8.65 -24.84
CA ASN B 21 -3.85 8.26 -24.97
C ASN B 21 -4.55 8.03 -23.63
N LEU B 22 -3.82 7.92 -22.52
CA LEU B 22 -4.48 7.88 -21.22
C LEU B 22 -5.31 9.13 -20.93
N VAL B 23 -5.11 10.21 -21.69
CA VAL B 23 -6.02 11.37 -21.54
C VAL B 23 -7.47 10.98 -21.82
N ARG B 24 -7.70 9.95 -22.65
CA ARG B 24 -9.07 9.59 -23.06
C ARG B 24 -9.91 9.04 -21.90
N MET B 25 -9.29 8.65 -20.79
CA MET B 25 -10.03 8.23 -19.60
C MET B 25 -10.84 9.37 -18.99
N GLY B 26 -10.48 10.63 -19.28
CA GLY B 26 -11.27 11.75 -18.81
C GLY B 26 -11.06 12.13 -17.35
N ASP B 27 -10.23 11.40 -16.60
CA ASP B 27 -10.08 11.72 -15.19
C ASP B 27 -8.96 12.72 -14.90
N LYS B 28 -8.26 13.21 -15.91
CA LYS B 28 -7.18 14.17 -15.71
C LYS B 28 -7.59 15.56 -16.20
N SER B 29 -7.24 16.57 -15.41
CA SER B 29 -7.32 17.95 -15.87
C SER B 29 -6.30 18.20 -16.98
N ILE B 30 -6.56 19.22 -17.79
CA ILE B 30 -5.76 19.47 -18.98
C ILE B 30 -5.35 20.95 -19.00
N MET B 31 -4.05 21.21 -19.14
CA MET B 31 -3.54 22.57 -19.31
C MET B 31 -2.94 22.69 -20.69
N PHE B 32 -3.48 23.60 -21.50
CA PHE B 32 -3.01 23.76 -22.87
C PHE B 32 -1.92 24.80 -22.96
N SER B 33 -1.04 24.64 -23.94
CA SER B 33 -0.08 25.68 -24.24
C SER B 33 -0.80 26.93 -24.78
N GLU B 34 -0.07 28.05 -24.77
CA GLU B 34 -0.63 29.30 -25.26
C GLU B 34 -1.20 29.18 -26.67
N LYS B 35 -0.46 28.53 -27.58
CA LYS B 35 -0.94 28.33 -28.95
C LYS B 35 -1.96 27.21 -29.08
N GLY B 36 -2.15 26.38 -28.05
CA GLY B 36 -3.09 25.28 -28.12
C GLY B 36 -2.57 24.04 -28.82
N ASP B 37 -1.27 23.95 -29.07
CA ASP B 37 -0.69 22.83 -29.78
C ASP B 37 -0.11 21.75 -28.88
N ALA B 38 -0.13 21.96 -27.57
CA ALA B 38 0.44 21.01 -26.62
C ALA B 38 -0.37 21.08 -25.33
N PHE B 39 -0.27 20.03 -24.51
CA PHE B 39 -0.97 20.04 -23.23
C PHE B 39 -0.20 19.22 -22.20
N ILE B 40 -0.46 19.58 -20.95
CA ILE B 40 -0.14 18.76 -19.79
C ILE B 40 -1.44 18.23 -19.22
N MET B 41 -1.54 16.92 -19.06
CA MET B 41 -2.65 16.33 -18.34
C MET B 41 -2.17 16.00 -16.94
N TYR B 42 -3.01 16.25 -15.95
CA TYR B 42 -2.54 16.19 -14.58
C TYR B 42 -3.70 15.93 -13.63
N GLY B 43 -3.34 15.53 -12.42
CA GLY B 43 -4.27 15.35 -11.33
C GLY B 43 -3.78 16.11 -10.11
N LYS B 44 -4.61 16.11 -9.08
CA LYS B 44 -4.33 16.81 -7.85
C LYS B 44 -4.59 15.86 -6.68
N GLN B 45 -3.65 15.78 -5.76
CA GLN B 45 -3.74 14.83 -4.66
C GLN B 45 -2.93 15.40 -3.49
N GLY B 46 -3.53 15.49 -2.32
CA GLY B 46 -2.85 16.13 -1.21
C GLY B 46 -2.46 17.57 -1.57
N ARG B 47 -1.20 17.93 -1.32
CA ARG B 47 -0.69 19.24 -1.69
C ARG B 47 0.15 19.18 -2.97
N SER B 48 -0.15 18.22 -3.86
CA SER B 48 0.59 18.07 -5.11
C SER B 48 -0.34 18.19 -6.32
N TRP B 49 0.16 18.85 -7.35
CA TRP B 49 -0.35 18.71 -8.70
C TRP B 49 0.60 17.77 -9.43
N ILE B 50 0.06 16.72 -10.01
CA ILE B 50 0.88 15.65 -10.57
C ILE B 50 0.56 15.54 -12.06
N ALA B 51 1.49 15.97 -12.90
CA ALA B 51 1.36 15.81 -14.34
C ALA B 51 1.66 14.37 -14.70
N LEU B 52 0.93 13.85 -15.69
CA LEU B 52 1.04 12.46 -16.08
C LEU B 52 1.87 12.36 -17.35
N PHE B 53 3.05 11.72 -17.25
CA PHE B 53 3.94 11.51 -18.38
C PHE B 53 4.53 12.83 -18.91
N ASP B 54 5.27 12.75 -20.02
CA ASP B 54 5.81 13.95 -20.63
C ASP B 54 4.69 14.85 -21.13
N PRO B 55 4.88 16.16 -21.12
CA PRO B 55 3.97 17.04 -21.86
C PRO B 55 3.84 16.56 -23.29
N VAL B 56 2.66 16.73 -23.86
CA VAL B 56 2.29 16.14 -25.15
C VAL B 56 2.25 17.26 -26.17
N GLY B 57 3.01 17.12 -27.25
CA GLY B 57 3.00 18.13 -28.29
C GLY B 57 4.40 18.58 -28.70
N PRO B 58 4.47 19.57 -29.60
CA PRO B 58 5.78 20.02 -30.12
C PRO B 58 6.71 20.48 -29.01
N ARG B 59 8.01 20.17 -29.17
CA ARG B 59 8.98 20.47 -28.11
C ARG B 59 9.09 21.97 -27.85
N GLN B 60 8.97 22.79 -28.87
CA GLN B 60 9.12 24.23 -28.66
C GLN B 60 8.06 24.80 -27.71
N ALA B 61 6.92 24.12 -27.57
CA ALA B 61 5.90 24.61 -26.64
C ALA B 61 6.24 24.32 -25.18
N LEU B 62 7.16 23.40 -24.93
CA LEU B 62 7.32 22.82 -23.59
C LEU B 62 7.80 23.80 -22.52
N PRO B 63 8.80 24.67 -22.77
CA PRO B 63 9.27 25.53 -21.67
C PRO B 63 8.20 26.44 -21.08
N ASP B 64 7.45 27.17 -21.90
CA ASP B 64 6.39 28.02 -21.35
C ASP B 64 5.33 27.17 -20.65
N LEU B 65 5.00 26.02 -21.23
CA LEU B 65 3.92 25.20 -20.69
C LEU B 65 4.33 24.56 -19.36
N ILE B 66 5.55 24.05 -19.27
CA ILE B 66 6.01 23.51 -17.99
C ILE B 66 6.04 24.59 -16.94
N TRP B 67 6.51 25.78 -17.31
CA TRP B 67 6.59 26.86 -16.34
C TRP B 67 5.22 27.30 -15.85
N ARG B 68 4.26 27.42 -16.78
CA ARG B 68 2.92 27.78 -16.36
C ARG B 68 2.35 26.75 -15.39
N PHE B 69 2.60 25.47 -15.64
CA PHE B 69 2.13 24.41 -14.73
C PHE B 69 2.77 24.55 -13.35
N VAL B 70 4.10 24.66 -13.30
CA VAL B 70 4.79 24.77 -12.02
C VAL B 70 4.28 26.00 -11.25
N GLU B 71 4.08 27.11 -11.96
CA GLU B 71 3.72 28.36 -11.28
C GLU B 71 2.25 28.37 -10.88
N THR B 72 1.38 27.79 -11.71
CA THR B 72 -0.02 27.67 -11.35
C THR B 72 -0.21 26.79 -10.13
N ALA B 73 0.52 25.67 -10.06
CA ALA B 73 0.44 24.83 -8.87
C ALA B 73 0.97 25.58 -7.65
N ARG B 74 2.11 26.25 -7.80
CA ARG B 74 2.66 27.03 -6.70
C ARG B 74 1.66 28.08 -6.21
N ALA B 75 1.00 28.77 -7.13
CA ALA B 75 0.03 29.78 -6.72
C ALA B 75 -1.17 29.16 -6.02
N ALA B 76 -1.48 27.90 -6.29
CA ALA B 76 -2.54 27.24 -5.54
C ALA B 76 -2.03 26.64 -4.24
N GLY B 77 -0.79 26.92 -3.85
CA GLY B 77 -0.24 26.42 -2.61
C GLY B 77 0.18 24.96 -2.66
N CYS B 78 0.57 24.47 -3.83
CA CYS B 78 0.87 23.06 -4.05
C CYS B 78 2.24 22.90 -4.71
N ARG B 79 2.88 21.77 -4.43
CA ARG B 79 4.07 21.42 -5.19
C ARG B 79 3.66 20.89 -6.57
N SER B 80 4.63 20.85 -7.48
CA SER B 80 4.41 20.29 -8.81
C SER B 80 5.25 19.03 -8.97
N VAL B 81 4.66 18.02 -9.60
CA VAL B 81 5.25 16.70 -9.76
C VAL B 81 5.04 16.29 -11.22
N PHE B 82 6.07 15.72 -11.84
CA PHE B 82 5.93 15.06 -13.14
C PHE B 82 6.13 13.57 -12.96
N TYR B 83 5.12 12.78 -13.34
CA TYR B 83 5.10 11.35 -13.06
C TYR B 83 5.47 10.56 -14.30
N GLN B 84 6.56 9.78 -14.22
CA GLN B 84 6.97 8.84 -15.26
C GLN B 84 7.29 9.55 -16.56
N ILE B 85 8.31 10.42 -16.50
CA ILE B 85 8.76 11.17 -17.65
C ILE B 85 10.01 10.53 -18.23
N SER B 86 10.30 10.87 -19.48
CA SER B 86 11.40 10.27 -20.21
C SER B 86 12.68 11.08 -20.04
N PRO B 87 13.83 10.48 -20.34
CA PRO B 87 15.09 11.23 -20.27
C PRO B 87 15.09 12.52 -21.07
N ALA B 88 14.44 12.56 -22.23
CA ALA B 88 14.43 13.75 -23.06
C ALA B 88 13.73 14.93 -22.38
N LEU B 89 12.95 14.68 -21.34
CA LEU B 89 12.31 15.75 -20.60
C LEU B 89 13.15 16.26 -19.44
N LEU B 90 14.27 15.60 -19.11
CA LEU B 90 14.97 15.98 -17.88
C LEU B 90 15.65 17.34 -17.99
N SER B 91 16.12 17.73 -19.17
CA SER B 91 16.68 19.07 -19.31
C SER B 91 15.61 20.14 -19.05
N TYR B 92 14.44 19.97 -19.65
CA TYR B 92 13.32 20.89 -19.37
C TYR B 92 13.02 20.96 -17.88
N CYS B 93 13.02 19.81 -17.19
CA CYS B 93 12.77 19.79 -15.75
C CYS B 93 13.88 20.47 -14.96
N ALA B 94 15.15 20.23 -15.32
CA ALA B 94 16.25 20.96 -14.72
C ALA B 94 16.10 22.46 -14.92
N ASP B 95 15.75 22.87 -16.15
CA ASP B 95 15.58 24.30 -16.44
C ASP B 95 14.51 24.91 -15.54
N ALA B 96 13.47 24.15 -15.20
CA ALA B 96 12.39 24.63 -14.36
C ALA B 96 12.64 24.40 -12.88
N GLY B 97 13.84 23.96 -12.51
CA GLY B 97 14.17 23.75 -11.11
C GLY B 97 13.61 22.49 -10.48
N LEU B 98 13.33 21.47 -11.28
CA LEU B 98 12.79 20.22 -10.76
C LEU B 98 13.90 19.19 -10.66
N ARG B 99 13.90 18.42 -9.59
CA ARG B 99 14.85 17.34 -9.39
C ARG B 99 14.22 16.01 -9.80
N ALA B 100 15.00 15.16 -10.46
CA ALA B 100 14.51 13.92 -11.05
C ALA B 100 15.02 12.71 -10.26
N PHE B 101 14.17 11.67 -10.16
CA PHE B 101 14.47 10.42 -9.45
C PHE B 101 14.00 9.26 -10.30
N LYS B 102 14.84 8.25 -10.45
CA LYS B 102 14.47 7.11 -11.30
C LYS B 102 13.33 6.34 -10.65
N LEU B 103 12.30 6.04 -11.44
CA LEU B 103 11.08 5.36 -11.01
C LEU B 103 11.07 3.89 -11.37
N GLY B 104 11.72 3.54 -12.48
CA GLY B 104 11.67 2.19 -13.00
C GLY B 104 12.12 2.22 -14.45
N GLU B 105 11.77 1.16 -15.17
CA GLU B 105 12.21 1.03 -16.54
C GLU B 105 11.08 0.56 -17.42
N LEU B 106 11.00 1.16 -18.60
CA LEU B 106 10.00 0.83 -19.59
C LEU B 106 10.58 -0.19 -20.57
N ALA B 107 9.87 -1.30 -20.76
CA ALA B 107 10.28 -2.32 -21.72
C ALA B 107 9.81 -1.93 -23.12
N VAL B 108 10.76 -1.68 -24.03
CA VAL B 108 10.45 -1.21 -25.38
C VAL B 108 10.97 -2.20 -26.41
N VAL B 109 10.10 -2.66 -27.29
CA VAL B 109 10.46 -3.59 -28.36
C VAL B 109 10.64 -2.78 -29.64
N ASN B 110 11.83 -2.90 -30.24
CA ASN B 110 12.05 -2.36 -31.59
C ASN B 110 11.40 -3.31 -32.59
N LEU B 111 10.42 -2.80 -33.37
CA LEU B 111 9.62 -3.72 -34.19
C LEU B 111 10.34 -4.14 -35.47
N ALA B 112 11.17 -3.28 -36.05
CA ALA B 112 11.92 -3.67 -37.25
C ALA B 112 12.71 -4.96 -37.02
N ASN B 113 13.42 -5.03 -35.91
CA ASN B 113 14.31 -6.15 -35.62
C ASN B 113 13.61 -7.37 -35.04
N PHE B 114 12.29 -7.32 -34.80
CA PHE B 114 11.62 -8.44 -34.16
C PHE B 114 11.18 -9.45 -35.21
N GLU B 115 11.55 -10.72 -34.99
CA GLU B 115 11.24 -11.83 -35.91
C GLU B 115 10.93 -13.05 -35.05
N LEU B 116 9.64 -13.36 -34.89
CA LEU B 116 9.24 -14.41 -33.95
C LEU B 116 9.91 -15.75 -34.25
N LYS B 117 10.11 -16.07 -35.53
CA LYS B 117 10.78 -17.32 -35.88
C LYS B 117 12.14 -17.06 -36.53
N GLY B 118 13.04 -16.39 -35.80
CA GLY B 118 14.37 -16.14 -36.30
C GLY B 118 15.43 -16.79 -35.45
N GLY B 119 15.01 -17.42 -34.35
CA GLY B 119 15.89 -18.10 -33.42
C GLY B 119 16.09 -17.36 -32.11
N LYS B 120 15.97 -16.03 -32.13
CA LYS B 120 16.25 -15.24 -30.94
C LYS B 120 15.11 -15.29 -29.92
N TRP B 121 13.87 -15.54 -30.33
CA TRP B 121 12.74 -15.54 -29.39
C TRP B 121 12.11 -16.91 -29.25
N ALA B 122 12.93 -17.95 -28.99
CA ALA B 122 12.45 -19.33 -29.04
C ALA B 122 11.33 -19.58 -28.04
N ASN B 123 11.42 -19.00 -26.84
CA ASN B 123 10.41 -19.29 -25.83
C ASN B 123 9.06 -18.68 -26.19
N LEU B 124 9.06 -17.45 -26.71
CA LEU B 124 7.81 -16.85 -27.17
C LEU B 124 7.25 -17.61 -28.36
N ARG B 125 8.12 -18.00 -29.30
CA ARG B 125 7.66 -18.72 -30.48
C ARG B 125 7.00 -20.04 -30.10
N GLN B 126 7.59 -20.78 -29.15
CA GLN B 126 6.98 -22.03 -28.70
C GLN B 126 5.66 -21.79 -27.98
N THR B 127 5.60 -20.73 -27.17
CA THR B 127 4.33 -20.40 -26.52
C THR B 127 3.28 -20.01 -27.55
N ALA B 128 3.68 -19.24 -28.56
CA ALA B 128 2.74 -18.83 -29.60
C ALA B 128 2.19 -20.03 -30.35
N SER B 129 3.07 -20.96 -30.73
CA SER B 129 2.63 -22.19 -31.39
C SER B 129 1.64 -22.96 -30.52
N ARG B 130 1.97 -23.14 -29.24
CA ARG B 130 1.07 -23.85 -28.34
C ARG B 130 -0.27 -23.13 -28.21
N ALA B 131 -0.26 -21.79 -28.20
CA ALA B 131 -1.50 -21.03 -28.08
C ALA B 131 -2.41 -21.30 -29.28
N VAL B 132 -1.86 -21.31 -30.49
CA VAL B 132 -2.66 -21.65 -31.66
C VAL B 132 -3.24 -23.06 -31.51
N ARG B 133 -2.45 -24.00 -30.99
CA ARG B 133 -2.94 -25.37 -30.78
C ARG B 133 -4.12 -25.39 -29.81
N ASP B 134 -4.08 -24.55 -28.78
CA ASP B 134 -5.17 -24.45 -27.83
C ASP B 134 -6.45 -23.86 -28.43
N GLY B 135 -6.43 -23.48 -29.71
CA GLY B 135 -7.60 -22.90 -30.34
C GLY B 135 -7.80 -21.42 -30.09
N LEU B 136 -6.71 -20.65 -29.92
CA LEU B 136 -6.81 -19.22 -29.66
C LEU B 136 -6.63 -18.46 -30.97
N GLU B 137 -7.52 -17.50 -31.22
CA GLU B 137 -7.46 -16.62 -32.38
C GLU B 137 -7.44 -15.16 -31.94
N PHE B 138 -6.69 -14.35 -32.67
CA PHE B 138 -6.49 -12.94 -32.40
C PHE B 138 -7.23 -12.09 -33.44
N ALA B 139 -7.85 -11.02 -32.99
CA ALA B 139 -8.37 -10.01 -33.90
C ALA B 139 -8.24 -8.64 -33.25
N VAL B 140 -8.16 -7.61 -34.09
CA VAL B 140 -8.25 -6.22 -33.65
C VAL B 140 -9.66 -5.72 -33.99
N ILE B 141 -10.32 -5.14 -33.00
CA ILE B 141 -11.69 -4.64 -33.17
C ILE B 141 -11.64 -3.12 -33.13
N GLU B 142 -12.13 -2.46 -34.20
CA GLU B 142 -12.11 -1.01 -34.28
C GLU B 142 -13.24 -0.42 -33.43
N PRO B 143 -13.08 0.83 -32.97
CA PRO B 143 -14.04 1.40 -32.02
C PRO B 143 -15.52 1.20 -32.32
N GLN B 144 -15.99 1.48 -33.53
CA GLN B 144 -17.41 1.32 -33.83
C GLN B 144 -17.89 -0.12 -33.71
N ASP B 145 -16.98 -1.08 -33.80
CA ASP B 145 -17.34 -2.49 -33.69
C ASP B 145 -17.19 -3.01 -32.28
N ILE B 146 -16.81 -2.16 -31.33
CA ILE B 146 -16.61 -2.60 -29.96
C ILE B 146 -17.94 -2.73 -29.20
N PRO B 147 -18.92 -1.83 -29.37
CA PRO B 147 -20.21 -2.03 -28.68
C PRO B 147 -20.78 -3.44 -28.81
N ASP B 148 -20.70 -4.02 -30.00
CA ASP B 148 -21.29 -5.33 -30.26
C ASP B 148 -20.68 -6.43 -29.41
N VAL B 149 -19.44 -6.24 -28.92
CA VAL B 149 -18.77 -7.23 -28.08
C VAL B 149 -18.50 -6.70 -26.67
N LEU B 150 -19.17 -5.60 -26.30
CA LEU B 150 -18.89 -4.97 -25.01
C LEU B 150 -19.35 -5.83 -23.84
N ASP B 151 -20.42 -6.62 -24.03
CA ASP B 151 -20.83 -7.58 -23.01
C ASP B 151 -19.75 -8.65 -22.79
N GLN B 152 -19.10 -9.08 -23.88
CA GLN B 152 -18.02 -10.05 -23.76
C GLN B 152 -16.79 -9.45 -23.10
N LEU B 153 -16.43 -8.21 -23.47
CA LEU B 153 -15.31 -7.54 -22.84
C LEU B 153 -15.56 -7.36 -21.34
N ALA B 154 -16.79 -6.96 -20.98
CA ALA B 154 -17.15 -6.78 -19.58
C ALA B 154 -17.04 -8.10 -18.80
N HIS B 155 -17.42 -9.21 -19.44
CA HIS B 155 -17.26 -10.52 -18.80
C HIS B 155 -15.80 -10.81 -18.50
N VAL B 156 -14.93 -10.63 -19.49
CA VAL B 156 -13.49 -10.82 -19.26
C VAL B 156 -13.01 -9.91 -18.15
N SER B 157 -13.42 -8.64 -18.18
CA SER B 157 -12.91 -7.65 -17.22
C SER B 157 -13.40 -7.93 -15.80
N ASP B 158 -14.72 -8.19 -15.66
CA ASP B 158 -15.29 -8.50 -14.36
C ASP B 158 -14.65 -9.73 -13.73
N THR B 159 -14.51 -10.80 -14.51
CA THR B 159 -13.95 -12.04 -13.98
C THR B 159 -12.45 -11.93 -13.71
N TRP B 160 -11.72 -11.16 -14.52
CA TRP B 160 -10.32 -10.87 -14.19
C TRP B 160 -10.20 -10.16 -12.86
N LEU B 161 -10.99 -9.09 -12.66
CA LEU B 161 -10.94 -8.35 -11.41
C LEU B 161 -11.29 -9.26 -10.25
N ALA B 162 -12.33 -10.08 -10.40
CA ALA B 162 -12.72 -11.01 -9.34
C ALA B 162 -11.63 -12.03 -9.06
N ASP B 163 -11.03 -12.60 -10.11
CA ASP B 163 -10.01 -13.63 -9.92
C ASP B 163 -8.82 -13.10 -9.14
N HIS B 164 -8.46 -11.83 -9.38
CA HIS B 164 -7.30 -11.21 -8.76
C HIS B 164 -7.67 -10.37 -7.54
N ASN B 165 -8.95 -10.34 -7.16
CA ASN B 165 -9.43 -9.53 -6.03
C ASN B 165 -9.00 -8.07 -6.16
N ALA B 166 -8.99 -7.57 -7.39
CA ALA B 166 -8.49 -6.22 -7.70
C ALA B 166 -9.63 -5.22 -7.77
N LYS B 167 -9.30 -3.96 -7.48
CA LYS B 167 -10.20 -2.83 -7.69
C LYS B 167 -9.64 -1.98 -8.83
N GLU B 168 -10.53 -1.22 -9.47
CA GLU B 168 -10.07 -0.36 -10.57
C GLU B 168 -9.15 0.72 -10.02
N LYS B 169 -8.13 1.07 -10.81
CA LYS B 169 -7.23 2.17 -10.52
C LYS B 169 -7.62 3.40 -11.36
N SER B 170 -6.84 4.47 -11.22
CA SER B 170 -7.10 5.74 -11.89
C SER B 170 -5.79 6.36 -12.36
N PHE B 171 -5.91 7.52 -13.03
CA PHE B 171 -4.80 8.42 -13.32
C PHE B 171 -3.87 7.82 -14.39
N SER B 172 -2.90 7.01 -13.97
CA SER B 172 -1.93 6.44 -14.90
C SER B 172 -2.39 5.12 -15.48
N LEU B 173 -3.46 4.55 -14.95
CA LEU B 173 -4.00 3.25 -15.34
C LEU B 173 -5.46 3.43 -15.72
N GLY B 174 -5.85 2.89 -16.87
CA GLY B 174 -7.24 2.96 -17.27
C GLY B 174 -8.11 1.97 -16.54
N ALA B 175 -9.42 2.15 -16.68
CA ALA B 175 -10.42 1.31 -16.04
C ALA B 175 -11.46 0.89 -17.08
N PHE B 176 -12.27 -0.11 -16.75
CA PHE B 176 -13.31 -0.55 -17.68
C PHE B 176 -14.47 0.43 -17.60
N ASP B 177 -14.27 1.60 -18.22
CA ASP B 177 -15.35 2.56 -18.39
C ASP B 177 -15.79 2.50 -19.85
N PRO B 178 -17.08 2.26 -20.13
CA PRO B 178 -17.52 2.06 -21.53
C PRO B 178 -17.08 3.12 -22.53
N ASP B 179 -17.17 4.42 -22.22
CA ASP B 179 -16.72 5.43 -23.18
C ASP B 179 -15.25 5.27 -23.49
N TYR B 180 -14.43 5.05 -22.46
CA TYR B 180 -13.00 4.90 -22.68
C TYR B 180 -12.71 3.62 -23.45
N VAL B 181 -13.35 2.52 -23.04
CA VAL B 181 -13.11 1.21 -23.67
C VAL B 181 -13.46 1.25 -25.17
N CYS B 182 -14.50 2.00 -25.54
CA CYS B 182 -14.89 2.07 -26.95
C CYS B 182 -14.11 3.10 -27.74
N SER B 183 -13.23 3.87 -27.10
CA SER B 183 -12.56 4.96 -27.80
C SER B 183 -11.33 4.52 -28.59
N GLN B 184 -10.83 3.31 -28.39
CA GLN B 184 -9.60 2.87 -29.03
C GLN B 184 -9.78 1.44 -29.51
N PRO B 185 -9.00 1.01 -30.50
CA PRO B 185 -9.08 -0.40 -30.92
C PRO B 185 -8.67 -1.31 -29.77
N VAL B 186 -9.26 -2.51 -29.75
CA VAL B 186 -8.90 -3.54 -28.78
C VAL B 186 -8.39 -4.76 -29.55
N GLY B 187 -7.33 -5.38 -29.02
CA GLY B 187 -6.90 -6.68 -29.49
C GLY B 187 -7.53 -7.70 -28.58
N VAL B 188 -8.12 -8.74 -29.17
CA VAL B 188 -8.86 -9.74 -28.40
C VAL B 188 -8.30 -11.13 -28.71
N LEU B 189 -8.42 -12.02 -27.74
CA LEU B 189 -8.22 -13.45 -27.93
C LEU B 189 -9.58 -14.13 -27.89
N LYS B 190 -9.83 -15.03 -28.84
CA LYS B 190 -11.09 -15.74 -28.93
C LYS B 190 -10.84 -17.24 -28.80
N LYS B 191 -11.69 -17.91 -28.02
CA LYS B 191 -11.64 -19.35 -27.86
C LYS B 191 -13.07 -19.84 -27.83
N ASP B 192 -13.38 -20.91 -28.59
CA ASP B 192 -14.71 -21.49 -28.61
C ASP B 192 -15.78 -20.44 -28.93
N GLY B 193 -15.47 -19.58 -29.90
CA GLY B 193 -16.41 -18.56 -30.32
C GLY B 193 -16.67 -17.44 -29.33
N LYS B 194 -15.78 -17.23 -28.37
CA LYS B 194 -15.99 -16.24 -27.32
C LYS B 194 -14.67 -15.57 -26.98
N ILE B 195 -14.76 -14.31 -26.58
CA ILE B 195 -13.57 -13.56 -26.21
C ILE B 195 -13.15 -13.97 -24.81
N VAL B 196 -11.88 -14.35 -24.66
CA VAL B 196 -11.34 -14.72 -23.36
C VAL B 196 -10.25 -13.78 -22.88
N ALA B 197 -9.78 -12.85 -23.70
CA ALA B 197 -8.76 -11.88 -23.31
C ALA B 197 -8.88 -10.64 -24.18
N PHE B 198 -8.54 -9.48 -23.61
CA PHE B 198 -8.47 -8.29 -24.45
C PHE B 198 -7.46 -7.31 -23.87
N ALA B 199 -6.96 -6.42 -24.75
CA ALA B 199 -6.19 -5.26 -24.35
C ALA B 199 -6.55 -4.09 -25.26
N ASN B 200 -6.60 -2.88 -24.72
CA ASN B 200 -6.72 -1.77 -25.64
C ASN B 200 -5.36 -1.47 -26.24
N ILE B 201 -5.36 -0.98 -27.48
CA ILE B 201 -4.14 -0.75 -28.22
C ILE B 201 -3.98 0.74 -28.39
N LEU B 202 -2.94 1.30 -27.77
CA LEU B 202 -2.73 2.75 -27.73
C LEU B 202 -1.83 3.13 -28.90
N MET B 203 -2.34 3.97 -29.78
CA MET B 203 -1.69 4.26 -31.06
C MET B 203 -1.81 5.75 -31.32
N THR B 204 -1.01 6.23 -32.29
CA THR B 204 -1.17 7.56 -32.85
C THR B 204 -0.99 7.47 -34.36
N GLU B 205 -1.31 8.58 -35.05
CA GLU B 205 -1.23 8.60 -36.50
C GLU B 205 0.21 8.65 -37.02
N THR B 206 1.17 8.95 -36.17
CA THR B 206 2.56 9.03 -36.62
C THR B 206 3.22 7.67 -36.71
N LYS B 207 2.58 6.62 -36.20
CA LYS B 207 3.10 5.25 -36.24
C LYS B 207 4.52 5.16 -35.68
N GLU B 208 4.77 5.86 -34.58
CA GLU B 208 6.07 5.75 -33.91
C GLU B 208 6.02 4.63 -32.87
N GLU B 209 5.29 4.82 -31.79
CA GLU B 209 5.16 3.75 -30.80
C GLU B 209 3.70 3.44 -30.50
N GLY B 210 3.48 2.19 -30.10
CA GLY B 210 2.21 1.72 -29.61
C GLY B 210 2.39 1.14 -28.22
N SER B 211 1.30 0.97 -27.49
CA SER B 211 1.36 0.37 -26.16
C SER B 211 0.00 -0.24 -25.85
N VAL B 212 -0.12 -0.80 -24.65
CA VAL B 212 -1.40 -1.29 -24.15
C VAL B 212 -1.59 -0.69 -22.76
N ASP B 213 -2.85 -0.60 -22.35
CA ASP B 213 -3.20 -0.09 -21.02
C ASP B 213 -3.94 -1.17 -20.25
N LEU B 214 -5.23 -1.36 -20.49
CA LEU B 214 -5.93 -2.52 -19.94
C LEU B 214 -5.45 -3.79 -20.63
N MET B 215 -5.30 -4.87 -19.85
CA MET B 215 -5.08 -6.19 -20.41
C MET B 215 -5.69 -7.20 -19.45
N ARG B 216 -6.73 -7.92 -19.87
CA ARG B 216 -7.48 -8.75 -18.94
C ARG B 216 -7.82 -10.08 -19.59
N PHE B 217 -8.07 -11.07 -18.73
CA PHE B 217 -8.23 -12.47 -19.12
C PHE B 217 -9.35 -13.10 -18.29
N SER B 218 -10.23 -13.86 -18.92
CA SER B 218 -11.23 -14.59 -18.18
C SER B 218 -10.66 -15.91 -17.70
N PRO B 219 -11.37 -16.63 -16.82
CA PRO B 219 -10.88 -17.97 -16.46
C PRO B 219 -10.74 -18.91 -17.65
N ASP B 220 -11.41 -18.65 -18.76
CA ASP B 220 -11.30 -19.52 -19.92
C ASP B 220 -10.10 -19.20 -20.79
N ALA B 221 -9.28 -18.23 -20.41
CA ALA B 221 -8.03 -17.97 -21.13
C ALA B 221 -6.97 -18.97 -20.67
N PRO B 222 -6.44 -19.81 -21.55
CA PRO B 222 -5.42 -20.77 -21.13
C PRO B 222 -4.11 -20.10 -20.76
N LYS B 223 -3.31 -20.83 -19.98
CA LYS B 223 -1.93 -20.47 -19.75
C LYS B 223 -1.24 -20.14 -21.07
N GLY B 224 -0.44 -19.07 -21.06
CA GLY B 224 0.20 -18.57 -22.26
C GLY B 224 -0.61 -17.54 -23.02
N SER B 225 -1.83 -17.25 -22.59
CA SER B 225 -2.65 -16.25 -23.28
C SER B 225 -1.97 -14.88 -23.23
N MET B 226 -1.41 -14.50 -22.09
CA MET B 226 -0.74 -13.21 -22.02
C MET B 226 0.41 -13.14 -23.02
N ASP B 227 1.23 -14.20 -23.09
CA ASP B 227 2.34 -14.20 -24.05
C ASP B 227 1.81 -14.03 -25.46
N PHE B 228 0.71 -14.69 -25.80
CA PHE B 228 0.21 -14.68 -27.18
C PHE B 228 -0.42 -13.35 -27.53
N LEU B 229 -1.21 -12.78 -26.61
CA LEU B 229 -1.83 -11.48 -26.85
C LEU B 229 -0.75 -10.41 -27.08
N PHE B 230 0.29 -10.37 -26.24
CA PHE B 230 1.35 -9.40 -26.46
C PHE B 230 2.01 -9.61 -27.81
N VAL B 231 2.31 -10.85 -28.17
CA VAL B 231 3.01 -11.10 -29.43
C VAL B 231 2.12 -10.72 -30.61
N GLN B 232 0.83 -11.00 -30.51
CA GLN B 232 -0.08 -10.70 -31.62
C GLN B 232 -0.27 -9.20 -31.79
N ILE B 233 -0.38 -8.45 -30.70
CA ILE B 233 -0.42 -6.99 -30.79
C ILE B 233 0.89 -6.45 -31.33
N LEU B 234 2.01 -7.00 -30.86
CA LEU B 234 3.32 -6.62 -31.38
C LEU B 234 3.36 -6.76 -32.91
N GLU B 235 2.94 -7.93 -33.42
CA GLU B 235 2.99 -8.17 -34.86
C GLU B 235 2.03 -7.26 -35.62
N TYR B 236 0.85 -7.02 -35.03
CA TYR B 236 -0.12 -6.11 -35.64
C TYR B 236 0.48 -4.72 -35.81
N LEU B 237 1.07 -4.19 -34.73
CA LEU B 237 1.68 -2.86 -34.82
C LEU B 237 2.83 -2.85 -35.81
N LYS B 238 3.63 -3.92 -35.86
CA LYS B 238 4.68 -4.00 -36.86
C LYS B 238 4.07 -3.95 -38.26
N GLY B 239 3.02 -4.74 -38.50
CA GLY B 239 2.32 -4.69 -39.77
C GLY B 239 1.72 -3.34 -40.12
N GLU B 240 1.29 -2.58 -39.11
CA GLU B 240 0.79 -1.24 -39.34
C GLU B 240 1.89 -0.23 -39.64
N GLY B 241 3.15 -0.62 -39.48
CA GLY B 241 4.26 0.26 -39.75
C GLY B 241 4.82 1.00 -38.56
N PHE B 242 4.49 0.57 -37.34
CA PHE B 242 5.02 1.24 -36.15
C PHE B 242 6.50 0.90 -35.97
N GLN B 243 7.20 1.76 -35.23
CA GLN B 243 8.61 1.58 -34.93
C GLN B 243 8.84 0.85 -33.60
N ARG B 244 8.02 1.13 -32.58
CA ARG B 244 8.26 0.61 -31.26
C ARG B 244 6.96 0.12 -30.62
N PHE B 245 7.08 -0.93 -29.80
CA PHE B 245 5.99 -1.43 -28.98
C PHE B 245 6.47 -1.41 -27.54
N ASN B 246 5.80 -0.62 -26.71
CA ASN B 246 6.13 -0.50 -25.30
C ASN B 246 5.29 -1.51 -24.52
N LEU B 247 5.96 -2.39 -23.76
CA LEU B 247 5.30 -3.42 -22.97
C LEU B 247 4.91 -2.96 -21.58
N GLY B 248 5.32 -1.77 -21.15
CA GLY B 248 4.94 -1.25 -19.86
C GLY B 248 6.12 -1.13 -18.91
N MET B 249 5.85 -0.54 -17.75
CA MET B 249 6.87 -0.28 -16.75
C MET B 249 7.19 -1.54 -15.96
N ALA B 250 8.44 -1.63 -15.49
CA ALA B 250 8.84 -2.60 -14.47
C ALA B 250 9.45 -1.87 -13.28
N PRO B 251 9.30 -2.41 -12.06
CA PRO B 251 9.79 -1.72 -10.87
C PRO B 251 11.31 -1.56 -10.86
N LEU B 252 11.76 -0.62 -10.02
CA LEU B 252 13.17 -0.25 -9.90
C LEU B 252 14.04 -1.47 -9.64
N SER B 253 15.21 -1.45 -10.29
CA SER B 253 16.19 -2.56 -10.34
C SER B 253 15.69 -3.65 -11.29
N ASP B 265 17.96 2.97 2.53
CA ASP B 265 17.54 3.96 1.54
C ASP B 265 16.02 4.10 1.50
N ARG B 266 15.48 5.11 2.19
CA ARG B 266 14.04 5.23 2.27
C ARG B 266 13.42 5.64 0.94
N VAL B 267 14.13 6.45 0.15
CA VAL B 267 13.60 6.87 -1.14
C VAL B 267 13.56 5.69 -2.10
N GLY B 268 14.69 5.00 -2.27
CA GLY B 268 14.71 3.82 -3.12
C GLY B 268 13.69 2.78 -2.70
N GLY B 269 13.48 2.63 -1.39
CA GLY B 269 12.51 1.67 -0.89
C GLY B 269 11.08 2.05 -1.23
N THR B 270 10.75 3.35 -1.11
CA THR B 270 9.42 3.81 -1.50
C THR B 270 9.20 3.66 -3.01
N VAL B 271 10.22 3.97 -3.81
CA VAL B 271 10.11 3.81 -5.26
C VAL B 271 9.84 2.35 -5.60
N PHE B 272 10.52 1.43 -4.92
CA PHE B 272 10.32 0.01 -5.19
C PHE B 272 8.90 -0.44 -4.83
N GLU B 273 8.44 -0.09 -3.63
CA GLU B 273 7.08 -0.45 -3.23
C GLU B 273 6.06 0.11 -4.21
N HIS B 274 6.28 1.34 -4.67
CA HIS B 274 5.35 1.96 -5.62
C HIS B 274 5.28 1.14 -6.91
N GLY B 275 6.44 0.79 -7.47
CA GLY B 275 6.44 -0.01 -8.67
C GLY B 275 5.84 -1.38 -8.47
N GLU B 276 6.15 -2.01 -7.33
CA GLU B 276 5.55 -3.31 -7.04
C GLU B 276 4.05 -3.22 -6.97
N ARG B 277 3.54 -2.09 -6.45
CA ARG B 277 2.10 -1.91 -6.33
C ARG B 277 1.44 -1.74 -7.70
N PHE B 278 2.10 -1.05 -8.63
CA PHE B 278 1.38 -0.62 -9.84
C PHE B 278 1.95 -1.12 -11.16
N TYR B 279 3.17 -1.68 -11.20
CA TYR B 279 3.78 -2.01 -12.49
C TYR B 279 3.65 -3.47 -12.90
N ASN B 280 2.95 -4.31 -12.13
CA ASN B 280 3.02 -5.75 -12.32
C ASN B 280 1.67 -6.36 -12.70
N PHE B 281 0.80 -5.59 -13.35
CA PHE B 281 -0.53 -6.08 -13.69
C PHE B 281 -0.59 -6.82 -15.03
N LYS B 282 0.42 -6.67 -15.88
CA LYS B 282 0.40 -7.33 -17.18
C LYS B 282 1.78 -7.94 -17.47
N GLY B 283 2.21 -8.80 -16.56
CA GLY B 283 3.52 -9.45 -16.69
C GLY B 283 4.59 -8.86 -15.79
N LEU B 284 5.34 -9.72 -15.12
CA LEU B 284 6.48 -9.27 -14.34
C LEU B 284 7.65 -8.95 -15.26
N ARG B 285 8.75 -8.45 -14.67
CA ARG B 285 9.92 -8.15 -15.48
C ARG B 285 10.43 -9.40 -16.20
N ALA B 286 10.43 -10.54 -15.51
CA ALA B 286 10.85 -11.77 -16.16
C ALA B 286 10.00 -12.08 -17.39
N PHE B 287 8.69 -11.78 -17.33
CA PHE B 287 7.86 -11.98 -18.52
C PHE B 287 8.30 -11.05 -19.65
N LYS B 288 8.56 -9.78 -19.32
CA LYS B 288 8.99 -8.82 -20.33
C LYS B 288 10.32 -9.21 -20.95
N SER B 289 11.22 -9.80 -20.16
CA SER B 289 12.55 -10.15 -20.67
C SER B 289 12.47 -11.16 -21.80
N LYS B 290 11.41 -11.97 -21.88
CA LYS B 290 11.23 -12.87 -23.01
C LYS B 290 11.25 -12.15 -24.34
N PHE B 291 10.92 -10.86 -24.37
CA PHE B 291 10.88 -10.09 -25.60
C PHE B 291 12.23 -9.47 -25.93
N HIS B 292 13.22 -9.64 -25.06
CA HIS B 292 14.52 -9.03 -25.20
C HIS B 292 14.38 -7.54 -25.50
N PRO B 293 13.66 -6.80 -24.66
CA PRO B 293 13.40 -5.39 -24.96
C PRO B 293 14.60 -4.53 -24.62
N GLU B 294 14.59 -3.32 -25.17
CA GLU B 294 15.40 -2.24 -24.62
C GLU B 294 14.70 -1.68 -23.39
N TRP B 295 15.45 -1.49 -22.31
CA TRP B 295 14.90 -1.00 -21.05
C TRP B 295 15.21 0.49 -20.95
N GLN B 296 14.18 1.32 -21.00
CA GLN B 296 14.37 2.76 -20.95
C GLN B 296 13.95 3.28 -19.58
N PRO B 297 14.82 4.02 -18.90
CA PRO B 297 14.45 4.53 -17.57
C PRO B 297 13.36 5.58 -17.66
N ARG B 298 12.51 5.64 -16.63
CA ARG B 298 11.55 6.72 -16.50
C ARG B 298 11.70 7.33 -15.10
N TYR B 299 11.25 8.57 -14.97
CA TYR B 299 11.61 9.39 -13.83
C TYR B 299 10.39 10.04 -13.21
N LEU B 300 10.54 10.36 -11.94
CA LEU B 300 9.68 11.28 -11.20
C LEU B 300 10.46 12.58 -10.99
N ALA B 301 9.86 13.72 -11.36
CA ALA B 301 10.48 15.02 -11.14
C ALA B 301 9.64 15.83 -10.17
N VAL B 302 10.29 16.52 -9.24
CA VAL B 302 9.58 17.18 -8.14
C VAL B 302 10.17 18.56 -7.90
N SER B 303 9.30 19.51 -7.56
CA SER B 303 9.64 20.90 -7.32
C SER B 303 10.02 21.15 -5.86
N GLY B 304 10.70 22.26 -5.64
CA GLY B 304 10.81 22.86 -4.32
C GLY B 304 11.64 22.11 -3.29
N GLY B 305 12.50 21.19 -3.71
CA GLY B 305 13.34 20.50 -2.77
C GLY B 305 12.58 19.61 -1.81
N VAL B 306 11.33 19.32 -2.11
CA VAL B 306 10.58 18.38 -1.27
C VAL B 306 11.03 16.97 -1.57
N SER B 307 10.94 16.09 -0.58
CA SER B 307 11.45 14.74 -0.77
C SER B 307 10.61 14.01 -1.82
N PRO B 308 11.24 13.20 -2.67
CA PRO B 308 10.46 12.34 -3.59
C PRO B 308 9.49 11.42 -2.89
N MET B 309 9.76 11.06 -1.63
CA MET B 309 8.87 10.14 -0.93
C MET B 309 7.48 10.74 -0.80
N ILE B 310 7.39 12.05 -0.56
CA ILE B 310 6.08 12.68 -0.42
C ILE B 310 5.33 12.65 -1.74
N ALA B 311 6.00 13.06 -2.82
CA ALA B 311 5.36 13.10 -4.13
C ALA B 311 4.91 11.71 -4.56
N LEU B 312 5.73 10.70 -4.29
CA LEU B 312 5.35 9.36 -4.70
C LEU B 312 4.19 8.82 -3.86
N MET B 313 4.11 9.19 -2.58
CA MET B 313 2.96 8.77 -1.81
C MET B 313 1.68 9.44 -2.33
N ASP B 314 1.77 10.71 -2.72
CA ASP B 314 0.60 11.34 -3.32
C ASP B 314 0.21 10.63 -4.63
N ALA B 315 1.21 10.27 -5.44
CA ALA B 315 0.90 9.54 -6.67
C ALA B 315 0.23 8.21 -6.36
N THR B 316 0.70 7.53 -5.30
CA THR B 316 0.08 6.27 -4.88
C THR B 316 -1.38 6.46 -4.48
N PHE B 317 -1.67 7.48 -3.67
CA PHE B 317 -3.07 7.79 -3.34
C PHE B 317 -3.88 8.09 -4.59
N LEU B 318 -3.32 8.88 -5.50
CA LEU B 318 -4.06 9.30 -6.69
C LEU B 318 -4.40 8.11 -7.57
N ILE B 319 -3.42 7.25 -7.84
CA ILE B 319 -3.68 6.09 -8.69
C ILE B 319 -4.68 5.16 -8.02
N GLY B 320 -4.61 5.07 -6.68
CA GLY B 320 -5.55 4.25 -5.95
C GLY B 320 -6.86 4.96 -5.63
N GLY B 321 -7.17 6.03 -6.34
CA GLY B 321 -8.45 6.70 -6.18
C GLY B 321 -8.61 7.45 -4.87
N GLY B 322 -7.52 7.99 -4.33
CA GLY B 322 -7.58 8.70 -3.06
C GLY B 322 -7.53 7.79 -1.86
N LYS B 323 -7.09 6.54 -2.03
CA LYS B 323 -7.15 5.54 -0.97
C LYS B 323 -5.85 4.74 -0.93
N LEU B 324 -5.50 4.29 0.28
CA LEU B 324 -4.35 3.44 0.51
C LEU B 324 -4.61 2.62 1.77
N ALA B 325 -4.97 1.35 1.61
CA ALA B 325 -5.43 0.55 2.74
C ALA B 325 -4.30 0.05 3.63
N ALA B 326 -3.13 -0.24 3.06
CA ALA B 326 -2.10 -0.93 3.80
C ALA B 326 -0.84 -1.06 2.93
N ALA B 327 0.24 -1.47 3.58
CA ALA B 327 1.38 -1.93 2.83
C ALA B 327 1.03 -3.22 2.07
N LEU B 328 1.78 -3.47 1.00
CA LEU B 328 1.69 -4.77 0.34
C LEU B 328 2.26 -5.88 1.21
N GLU B 329 1.79 -7.10 0.98
CA GLU B 329 2.31 -8.25 1.72
C GLU B 329 3.77 -8.48 1.33
N HIS B 330 4.63 -8.63 2.33
CA HIS B 330 6.06 -8.85 2.10
C HIS B 330 6.62 -9.72 3.22
N HIS B 331 7.54 -10.62 2.86
CA HIS B 331 8.15 -11.56 3.79
C HIS B 331 9.68 -11.62 3.61
#